data_5T80
#
_entry.id   5T80
#
_cell.length_a   55.221
_cell.length_b   67.262
_cell.length_c   196.843
_cell.angle_alpha   90.00
_cell.angle_beta   90.00
_cell.angle_gamma   90.00
#
_symmetry.space_group_name_H-M   'P 21 21 21'
#
loop_
_entity.id
_entity.type
_entity.pdbx_description
1 polymer 'Antibody 10E8 FAB HEAVY CHAIN'
2 polymer 'Antibody 10E8 FAB LIGHT CHAIN'
3 polymer '10E8 EPITOPE SCAFFOLD T117V2'
4 non-polymer '(2R)-3-(phosphonooxy)propane-1,2-diyl dihexanoate'
5 water water
#
loop_
_entity_poly.entity_id
_entity_poly.type
_entity_poly.pdbx_seq_one_letter_code
_entity_poly.pdbx_strand_id
1 'polypeptide(L)'
;EVQLVESGGGLVKPGGSLRLSCSASGFDFDNAWMTWVRQPPGKGLEWVGRITGPGEGWSVDYAAPVEGRFTISRLNSINF
LYLEMNNLRMEDSGLYFCARTGKYYDFWSGYPPGEEYFQDWGRGTLVTVSSASTKGPSVFPLAPSSKSTSGGTAALGCLV
KDYFPEPVTVSWNSGALTSGVHTFPAVLQSSGLYSLSSVVTVPSSSLGTQTYICNVNHKPSNTKVDKRVEPKSCDK
;
H
2 'polypeptide(L)'
;SYELTQETGVSVALGRTVTITCRGDSLRSHYASWYQKKPGQAPILLFYGKNNRPSGVPDRFSGSASGNRASLTISGAQAE
DDAEYYCSSRDKSGSRLSVFGGGTKLTVLSQPKAAPSVTLFPPSSEELQANKATLVCLISDFYPGAVTVAWKADSSPVKA
GVETTTPSKQSNNKYAASSYLSLTPEQWKSHRSYSCQVTHEGSTVEKTVAPTECS
;
L
3 'polypeptide(L)'
;NAMQGIHFRRHYVRHLPKEVSQNDIIKALASPLINDGMVVSDFADHVITREQNFPTGLPVEPVGVAIPHTDSKYVRQNAI
SVGILAEPVNFEDAGGEPDPVPVRVVFMLALGNWFDITNVLWWIKAVIQDEDFMQQLLVMNDDEIYQSIYTRISELEHHH
HHH
;
G
#
loop_
_chem_comp.id
_chem_comp.type
_chem_comp.name
_chem_comp.formula
44E non-polymer '(2R)-3-(phosphonooxy)propane-1,2-diyl dihexanoate' 'C15 H29 O8 P'
#
# COMPACT_ATOMS: atom_id res chain seq x y z
N GLU A 1 0.30 0.40 -16.12
CA GLU A 1 -0.55 1.51 -16.56
C GLU A 1 -1.75 1.65 -15.64
N VAL A 2 -1.79 0.80 -14.60
CA VAL A 2 -2.81 0.87 -13.56
C VAL A 2 -2.81 2.21 -12.83
N GLN A 3 -3.98 2.81 -12.67
CA GLN A 3 -4.09 4.05 -11.93
C GLN A 3 -5.29 4.00 -10.96
N LEU A 4 -5.04 4.37 -9.71
CA LEU A 4 -6.06 4.42 -8.67
C LEU A 4 -5.99 5.75 -7.96
N VAL A 5 -7.10 6.46 -7.92
CA VAL A 5 -7.12 7.74 -7.27
C VAL A 5 -8.24 7.76 -6.25
N GLU A 6 -7.87 7.79 -4.97
CA GLU A 6 -8.82 7.92 -3.88
C GLU A 6 -9.30 9.36 -3.81
N SER A 7 -10.49 9.57 -3.23
CA SER A 7 -11.03 10.91 -3.02
C SER A 7 -12.13 10.91 -1.95
N GLY A 8 -12.56 12.10 -1.56
CA GLY A 8 -13.67 12.22 -0.62
C GLY A 8 -13.27 12.40 0.83
N GLY A 9 -11.98 12.30 1.14
CA GLY A 9 -11.51 12.49 2.50
C GLY A 9 -11.58 13.94 2.95
N GLY A 10 -11.82 14.15 4.24
CA GLY A 10 -11.87 15.49 4.80
C GLY A 10 -12.15 15.52 6.30
N LEU A 11 -12.36 16.71 6.86
CA LEU A 11 -12.60 16.88 8.30
C LEU A 11 -14.06 16.54 8.64
N VAL A 12 -14.24 15.80 9.72
CA VAL A 12 -15.53 15.29 10.12
C VAL A 12 -15.55 15.17 11.64
N LYS A 13 -16.70 15.45 12.25
CA LYS A 13 -16.83 15.37 13.68
C LYS A 13 -17.05 13.93 14.09
N PRO A 14 -16.60 13.54 15.29
CA PRO A 14 -16.90 12.21 15.83
C PRO A 14 -18.39 11.87 15.69
N GLY A 15 -18.71 10.66 15.26
CA GLY A 15 -20.09 10.23 15.12
C GLY A 15 -20.61 10.48 13.73
N GLY A 16 -19.89 11.30 12.97
CA GLY A 16 -20.31 11.65 11.62
C GLY A 16 -20.09 10.58 10.56
N SER A 17 -20.53 10.91 9.35
CA SER A 17 -20.44 10.01 8.21
C SER A 17 -19.49 10.57 7.17
N LEU A 18 -19.07 9.71 6.24
CA LEU A 18 -18.15 10.13 5.18
C LEU A 18 -18.07 9.08 4.07
N ARG A 19 -17.85 9.53 2.84
CA ARG A 19 -17.85 8.64 1.70
C ARG A 19 -16.62 8.79 0.81
N LEU A 20 -15.70 7.83 0.90
CA LEU A 20 -14.50 7.87 0.07
C LEU A 20 -14.71 7.16 -1.26
N SER A 21 -14.16 7.75 -2.31
CA SER A 21 -14.30 7.20 -3.65
C SER A 21 -12.93 6.76 -4.17
N CYS A 22 -12.94 5.85 -5.13
CA CYS A 22 -11.71 5.42 -5.79
C CYS A 22 -11.93 5.14 -7.27
N SER A 23 -11.30 5.94 -8.13
CA SER A 23 -11.44 5.73 -9.57
C SER A 23 -10.35 4.80 -10.05
N ALA A 24 -10.75 3.68 -10.62
CA ALA A 24 -9.81 2.67 -11.04
C ALA A 24 -9.61 2.68 -12.55
N SER A 25 -8.34 2.55 -12.95
CA SER A 25 -7.99 2.47 -14.36
C SER A 25 -6.78 1.57 -14.55
N GLY A 26 -6.54 1.17 -15.80
CA GLY A 26 -5.35 0.42 -16.14
C GLY A 26 -5.48 -1.10 -16.10
N PHE A 27 -6.61 -1.60 -15.63
CA PHE A 27 -6.83 -3.05 -15.51
C PHE A 27 -8.29 -3.43 -15.60
N ASP A 28 -8.60 -4.70 -15.36
CA ASP A 28 -9.98 -5.17 -15.37
C ASP A 28 -10.63 -5.01 -14.01
N PHE A 29 -11.20 -3.84 -13.77
CA PHE A 29 -11.77 -3.51 -12.47
C PHE A 29 -12.87 -4.47 -12.13
N ASP A 30 -13.65 -4.81 -13.14
CA ASP A 30 -14.88 -5.55 -12.95
C ASP A 30 -14.65 -6.84 -12.15
N ASN A 31 -13.71 -7.67 -12.59
CA ASN A 31 -13.48 -8.95 -11.94
C ASN A 31 -12.38 -8.89 -10.88
N ALA A 32 -11.91 -7.68 -10.60
CA ALA A 32 -10.81 -7.48 -9.67
C ALA A 32 -11.30 -7.36 -8.24
N TRP A 33 -10.62 -8.04 -7.32
CA TRP A 33 -10.88 -7.85 -5.92
C TRP A 33 -10.26 -6.52 -5.50
N MET A 34 -10.98 -5.71 -4.73
CA MET A 34 -10.47 -4.42 -4.26
C MET A 34 -10.38 -4.37 -2.73
N THR A 35 -9.42 -3.63 -2.19
CA THR A 35 -9.24 -3.57 -0.74
C THR A 35 -9.02 -2.12 -0.25
N TRP A 36 -9.53 -1.79 0.93
CA TRP A 36 -9.24 -0.51 1.57
C TRP A 36 -8.24 -0.74 2.70
N VAL A 37 -7.22 0.10 2.73
CA VAL A 37 -6.15 0.06 3.73
C VAL A 37 -5.98 1.47 4.22
N ARG A 38 -5.76 1.64 5.52
CA ARG A 38 -5.50 2.98 6.02
C ARG A 38 -4.17 3.05 6.78
N GLN A 39 -3.65 4.26 6.94
CA GLN A 39 -2.51 4.51 7.81
C GLN A 39 -2.81 5.62 8.81
N PRO A 40 -3.07 5.25 10.07
CA PRO A 40 -3.30 6.27 11.09
C PRO A 40 -2.03 7.10 11.25
N PRO A 41 -2.13 8.32 11.80
CA PRO A 41 -0.93 9.14 11.89
C PRO A 41 0.09 8.53 12.83
N GLY A 42 1.36 8.54 12.44
CA GLY A 42 2.42 8.01 13.28
C GLY A 42 2.27 6.52 13.57
N LYS A 43 1.67 5.80 12.63
CA LYS A 43 1.41 4.40 12.83
C LYS A 43 1.56 3.76 11.47
N GLY A 44 1.35 2.45 11.39
CA GLY A 44 1.63 1.71 10.17
C GLY A 44 0.38 1.41 9.38
N LEU A 45 0.52 0.56 8.37
CA LEU A 45 -0.60 0.19 7.55
C LEU A 45 -1.58 -0.71 8.28
N GLU A 46 -2.87 -0.52 8.00
CA GLU A 46 -3.93 -1.26 8.65
C GLU A 46 -5.00 -1.64 7.64
N TRP A 47 -5.34 -2.92 7.63
CA TRP A 47 -6.27 -3.47 6.67
C TRP A 47 -7.69 -3.12 7.15
N VAL A 48 -8.48 -2.48 6.29
CA VAL A 48 -9.82 -2.05 6.65
C VAL A 48 -10.89 -3.06 6.22
N GLY A 49 -10.82 -3.49 4.96
CA GLY A 49 -11.76 -4.42 4.38
C GLY A 49 -11.54 -4.64 2.89
N ARG A 50 -12.24 -5.62 2.32
CA ARG A 50 -12.03 -6.01 0.92
C ARG A 50 -13.31 -6.54 0.31
N ILE A 51 -13.61 -6.11 -0.92
CA ILE A 51 -14.74 -6.65 -1.65
C ILE A 51 -14.20 -7.62 -2.70
N THR A 52 -14.89 -8.75 -2.84
CA THR A 52 -14.53 -9.76 -3.81
C THR A 52 -15.22 -9.54 -5.15
N GLY A 53 -15.06 -10.50 -6.05
CA GLY A 53 -15.64 -10.39 -7.38
C GLY A 53 -16.91 -11.19 -7.58
N PRO A 54 -17.24 -11.45 -8.84
CA PRO A 54 -18.49 -12.11 -9.27
C PRO A 54 -18.64 -13.53 -8.75
N GLY A 55 -17.59 -14.34 -8.87
CA GLY A 55 -17.68 -15.73 -8.46
C GLY A 55 -17.94 -15.83 -6.98
N GLU A 56 -17.53 -14.80 -6.25
CA GLU A 56 -17.66 -14.78 -4.79
C GLU A 56 -18.90 -14.02 -4.37
N GLY A 57 -19.67 -13.56 -5.36
CA GLY A 57 -20.90 -12.83 -5.11
C GLY A 57 -20.71 -11.41 -4.60
N TRP A 58 -19.56 -10.81 -4.89
CA TRP A 58 -19.23 -9.48 -4.39
C TRP A 58 -19.27 -9.42 -2.87
N SER A 59 -19.11 -10.59 -2.24
CA SER A 59 -18.95 -10.68 -0.80
C SER A 59 -17.94 -9.65 -0.29
N VAL A 60 -18.15 -9.16 0.92
CA VAL A 60 -17.20 -8.22 1.53
C VAL A 60 -16.81 -8.69 2.93
N ASP A 61 -15.54 -8.51 3.29
CA ASP A 61 -15.06 -8.79 4.65
C ASP A 61 -14.45 -7.54 5.26
N TYR A 62 -14.53 -7.46 6.59
CA TYR A 62 -14.25 -6.22 7.33
C TYR A 62 -13.33 -6.47 8.52
N ALA A 63 -12.51 -5.48 8.87
CA ALA A 63 -11.70 -5.57 10.08
C ALA A 63 -12.60 -5.40 11.29
N ALA A 64 -12.25 -6.05 12.39
CA ALA A 64 -13.11 -6.02 13.57
C ALA A 64 -13.44 -4.61 14.08
N PRO A 65 -12.44 -3.70 14.19
CA PRO A 65 -12.79 -2.38 14.74
C PRO A 65 -13.66 -1.53 13.83
N VAL A 66 -14.09 -2.10 12.72
CA VAL A 66 -14.73 -1.31 11.70
C VAL A 66 -16.02 -2.00 11.21
N GLU A 67 -16.07 -3.31 11.40
CA GLU A 67 -17.26 -4.12 11.12
C GLU A 67 -18.52 -3.49 11.72
N GLY A 68 -19.52 -3.27 10.88
CA GLY A 68 -20.78 -2.69 11.32
C GLY A 68 -20.91 -1.20 11.05
N ARG A 69 -19.79 -0.51 10.91
CA ARG A 69 -19.82 0.92 10.70
C ARG A 69 -19.57 1.28 9.24
N PHE A 70 -18.70 0.49 8.61
CA PHE A 70 -18.20 0.77 7.27
C PHE A 70 -18.87 -0.11 6.22
N THR A 71 -18.97 0.41 5.01
CA THR A 71 -19.58 -0.35 3.92
C THR A 71 -18.75 -0.20 2.65
N ILE A 72 -18.33 -1.32 2.06
CA ILE A 72 -17.57 -1.28 0.81
C ILE A 72 -18.43 -1.68 -0.38
N SER A 73 -18.39 -0.89 -1.45
CA SER A 73 -19.22 -1.16 -2.61
C SER A 73 -18.52 -0.82 -3.89
N ARG A 74 -19.14 -1.20 -5.00
CA ARG A 74 -18.56 -0.91 -6.30
C ARG A 74 -19.62 -0.63 -7.34
N LEU A 75 -19.29 0.26 -8.27
CA LEU A 75 -20.09 0.43 -9.49
C LEU A 75 -19.17 0.15 -10.67
N ASN A 76 -19.25 -1.06 -11.21
CA ASN A 76 -18.30 -1.51 -12.22
C ASN A 76 -18.45 -0.80 -13.55
N SER A 77 -19.54 -0.04 -13.70
CA SER A 77 -19.83 0.64 -14.97
C SER A 77 -18.89 1.81 -15.22
N ILE A 78 -18.36 2.39 -14.16
CA ILE A 78 -17.41 3.50 -14.28
C ILE A 78 -16.17 3.26 -13.44
N ASN A 79 -15.96 1.99 -13.08
CA ASN A 79 -14.77 1.56 -12.38
C ASN A 79 -14.47 2.41 -11.17
N PHE A 80 -15.49 2.51 -10.30
CA PHE A 80 -15.34 3.19 -9.03
C PHE A 80 -15.50 2.28 -7.84
N LEU A 81 -14.66 2.49 -6.84
CA LEU A 81 -14.76 1.77 -5.59
C LEU A 81 -15.16 2.76 -4.52
N TYR A 82 -15.92 2.31 -3.54
CA TYR A 82 -16.45 3.20 -2.51
C TYR A 82 -16.24 2.69 -1.10
N LEU A 83 -16.22 3.62 -0.15
CA LEU A 83 -16.13 3.28 1.27
C LEU A 83 -17.05 4.17 2.10
N GLU A 84 -18.19 3.61 2.51
CA GLU A 84 -19.18 4.30 3.32
C GLU A 84 -18.85 4.12 4.79
N MET A 85 -18.50 5.21 5.45
CA MET A 85 -18.17 5.18 6.87
C MET A 85 -19.21 5.90 7.74
N ASN A 86 -19.71 5.22 8.76
CA ASN A 86 -20.67 5.84 9.68
C ASN A 86 -20.14 5.80 11.12
N ASN A 87 -20.59 6.75 11.94
CA ASN A 87 -20.25 6.78 13.36
C ASN A 87 -18.75 6.79 13.61
N LEU A 88 -18.05 7.78 13.06
CA LEU A 88 -16.59 7.75 13.09
C LEU A 88 -16.06 8.09 14.47
N ARG A 89 -14.84 7.64 14.74
CA ARG A 89 -14.16 7.92 16.01
C ARG A 89 -12.79 8.54 15.67
N MET A 90 -12.08 9.03 16.67
CA MET A 90 -10.76 9.63 16.44
C MET A 90 -9.86 8.67 15.69
N GLU A 91 -9.81 7.42 16.14
CA GLU A 91 -8.93 6.40 15.59
C GLU A 91 -9.31 5.96 14.16
N ASP A 92 -10.43 6.45 13.66
CA ASP A 92 -10.82 6.19 12.27
C ASP A 92 -10.04 7.08 11.33
N SER A 93 -9.41 8.10 11.88
CA SER A 93 -8.69 9.06 11.07
C SER A 93 -7.33 8.52 10.67
N GLY A 94 -6.94 8.81 9.43
CA GLY A 94 -5.66 8.41 8.88
C GLY A 94 -5.66 8.70 7.39
N LEU A 95 -4.77 8.06 6.65
CA LEU A 95 -4.74 8.19 5.20
C LEU A 95 -5.32 6.94 4.55
N TYR A 96 -6.36 7.08 3.73
CA TYR A 96 -7.01 5.88 3.23
C TYR A 96 -6.62 5.49 1.82
N PHE A 97 -6.14 4.24 1.69
CA PHE A 97 -5.67 3.70 0.41
C PHE A 97 -6.64 2.70 -0.17
N CYS A 98 -6.73 2.67 -1.50
N CYS A 98 -6.71 2.67 -1.50
CA CYS A 98 -7.39 1.58 -2.18
CA CYS A 98 -7.35 1.57 -2.18
C CYS A 98 -6.37 0.81 -3.02
C CYS A 98 -6.32 0.79 -2.94
N ALA A 99 -6.54 -0.51 -3.12
CA ALA A 99 -5.55 -1.34 -3.79
C ALA A 99 -6.11 -2.60 -4.43
N ARG A 100 -5.71 -2.80 -5.68
CA ARG A 100 -6.00 -4.01 -6.44
C ARG A 100 -5.51 -5.25 -5.68
N THR A 101 -6.40 -6.22 -5.50
CA THR A 101 -6.10 -7.35 -4.63
C THR A 101 -5.96 -8.65 -5.41
N GLY A 102 -4.83 -9.32 -5.25
CA GLY A 102 -4.58 -10.60 -5.89
C GLY A 102 -4.76 -11.75 -4.92
N LYS A 103 -5.17 -12.90 -5.44
CA LYS A 103 -5.33 -14.10 -4.65
C LYS A 103 -4.17 -15.08 -4.86
N TYR A 104 -3.66 -15.65 -3.78
CA TYR A 104 -2.55 -16.62 -3.89
C TYR A 104 -2.81 -17.88 -3.08
N TYR A 105 -2.67 -19.04 -3.72
CA TYR A 105 -2.72 -20.30 -2.99
C TYR A 105 -1.79 -21.35 -3.59
N ASP A 106 -0.79 -21.78 -2.81
CA ASP A 106 0.11 -22.83 -3.26
C ASP A 106 -0.51 -24.17 -3.00
N PHE A 107 -0.56 -25.04 -4.02
CA PHE A 107 -1.30 -26.28 -3.86
C PHE A 107 -0.73 -27.18 -2.77
N TRP A 108 0.58 -27.42 -2.78
CA TRP A 108 1.09 -28.51 -1.95
C TRP A 108 1.34 -28.09 -0.52
N SER A 109 1.48 -26.80 -0.27
CA SER A 109 1.71 -26.31 1.10
C SER A 109 0.59 -25.39 1.57
N GLY A 110 -0.27 -24.99 0.65
CA GLY A 110 -1.30 -24.03 0.98
C GLY A 110 -2.30 -24.48 2.01
N TYR A 111 -2.92 -23.50 2.64
CA TYR A 111 -4.01 -23.72 3.55
C TYR A 111 -5.09 -22.72 3.19
N PRO A 112 -6.32 -23.21 3.01
CA PRO A 112 -7.45 -22.33 2.63
C PRO A 112 -7.69 -21.23 3.66
N PRO A 113 -8.02 -19.99 3.23
CA PRO A 113 -8.27 -19.57 1.85
C PRO A 113 -7.08 -18.94 1.19
N GLY A 114 -5.91 -19.57 1.31
CA GLY A 114 -4.70 -18.97 0.81
C GLY A 114 -4.54 -17.55 1.30
N GLU A 115 -3.97 -16.70 0.46
CA GLU A 115 -3.57 -15.37 0.91
C GLU A 115 -3.89 -14.30 -0.13
N GLU A 116 -4.09 -13.07 0.34
CA GLU A 116 -4.40 -12.00 -0.57
C GLU A 116 -3.25 -11.01 -0.54
N TYR A 117 -2.88 -10.50 -1.71
CA TYR A 117 -1.77 -9.55 -1.81
C TYR A 117 -2.19 -8.31 -2.58
N PHE A 118 -1.48 -7.21 -2.36
CA PHE A 118 -1.87 -5.90 -2.86
C PHE A 118 -0.89 -5.34 -3.92
N GLN A 119 -1.16 -5.66 -5.19
CA GLN A 119 -0.24 -5.36 -6.27
C GLN A 119 -0.23 -3.90 -6.72
N ASP A 120 -1.34 -3.20 -6.62
CA ASP A 120 -1.36 -1.80 -7.06
C ASP A 120 -2.06 -0.91 -6.05
N TRP A 121 -1.44 0.22 -5.72
CA TRP A 121 -2.00 1.11 -4.72
C TRP A 121 -2.25 2.49 -5.31
N GLY A 122 -3.07 3.28 -4.64
CA GLY A 122 -3.29 4.66 -5.00
C GLY A 122 -2.52 5.53 -4.02
N ARG A 123 -2.68 6.84 -4.12
CA ARG A 123 -1.93 7.75 -3.27
C ARG A 123 -2.62 8.00 -1.93
N GLY A 124 -3.90 7.74 -1.87
CA GLY A 124 -4.63 7.87 -0.62
C GLY A 124 -5.33 9.19 -0.49
N THR A 125 -6.32 9.23 0.39
CA THR A 125 -7.05 10.45 0.64
C THR A 125 -7.21 10.57 2.15
N LEU A 126 -7.04 11.78 2.64
CA LEU A 126 -6.87 12.02 4.07
C LEU A 126 -8.18 12.22 4.82
N VAL A 127 -8.40 11.32 5.78
CA VAL A 127 -9.56 11.42 6.64
C VAL A 127 -9.13 11.99 7.97
N THR A 128 -9.80 13.07 8.38
CA THR A 128 -9.54 13.73 9.65
C THR A 128 -10.79 13.75 10.53
N VAL A 129 -10.76 13.01 11.65
CA VAL A 129 -11.90 12.92 12.55
C VAL A 129 -11.57 13.61 13.84
N SER A 130 -11.94 14.88 13.94
CA SER A 130 -11.64 15.66 15.12
C SER A 130 -12.88 16.45 15.48
N SER A 131 -12.96 16.84 16.75
CA SER A 131 -14.01 17.74 17.18
C SER A 131 -13.57 19.18 16.90
N ALA A 132 -12.28 19.39 16.68
CA ALA A 132 -11.74 20.71 16.41
C ALA A 132 -12.19 21.22 15.06
N SER A 133 -12.19 22.53 14.88
CA SER A 133 -12.80 23.09 13.69
C SER A 133 -11.78 23.62 12.70
N THR A 134 -12.23 23.73 11.46
CA THR A 134 -11.46 24.22 10.35
C THR A 134 -10.93 25.64 10.55
N LYS A 135 -9.62 25.78 10.36
CA LYS A 135 -8.96 27.07 10.38
C LYS A 135 -8.28 27.28 9.03
N GLY A 136 -8.56 28.40 8.39
CA GLY A 136 -7.92 28.71 7.12
C GLY A 136 -6.53 29.32 7.34
N PRO A 137 -5.68 29.24 6.32
CA PRO A 137 -4.29 29.71 6.40
C PRO A 137 -4.16 31.22 6.29
N SER A 138 -3.13 31.78 6.91
CA SER A 138 -2.70 33.13 6.60
C SER A 138 -1.45 33.01 5.77
N VAL A 139 -1.46 33.60 4.58
CA VAL A 139 -0.35 33.55 3.65
C VAL A 139 0.49 34.82 3.70
N PHE A 140 1.77 34.70 3.97
CA PHE A 140 2.63 35.88 3.99
C PHE A 140 3.83 35.72 3.05
N PRO A 141 4.23 36.83 2.40
CA PRO A 141 5.32 36.79 1.43
C PRO A 141 6.69 36.76 2.11
N LEU A 142 7.56 35.85 1.66
CA LEU A 142 8.97 35.91 2.05
C LEU A 142 9.77 36.56 0.91
N ALA A 143 10.04 37.86 1.06
CA ALA A 143 10.72 38.67 0.06
C ALA A 143 12.10 38.10 -0.28
N PRO A 144 12.50 38.18 -1.57
CA PRO A 144 13.75 37.66 -2.14
C PRO A 144 14.96 37.87 -1.26
N SER A 145 15.77 36.82 -1.11
CA SER A 145 17.05 36.91 -0.41
C SER A 145 18.15 36.16 -1.16
N SER A 146 19.36 36.66 -1.13
CA SER A 146 20.41 36.09 -1.95
C SER A 146 21.54 35.59 -1.09
N LYS A 147 21.39 35.68 0.22
CA LYS A 147 22.48 35.35 1.12
C LYS A 147 22.93 33.89 0.97
N SER A 148 21.98 33.02 0.68
CA SER A 148 22.19 31.58 0.86
C SER A 148 22.11 30.78 -0.42
N THR A 149 21.94 31.48 -1.53
CA THR A 149 21.76 30.83 -2.82
C THR A 149 23.00 31.01 -3.71
N SER A 150 22.94 30.46 -4.91
CA SER A 150 24.05 30.58 -5.86
C SER A 150 24.11 31.97 -6.37
N GLY A 151 25.26 32.33 -6.91
CA GLY A 151 25.44 33.66 -7.47
C GLY A 151 24.38 33.92 -8.52
N GLY A 152 23.82 35.11 -8.48
CA GLY A 152 22.85 35.53 -9.49
C GLY A 152 21.44 35.09 -9.16
N THR A 153 21.31 34.18 -8.19
CA THR A 153 20.00 33.65 -7.83
C THR A 153 19.58 34.12 -6.45
N ALA A 154 18.28 34.36 -6.30
CA ALA A 154 17.70 34.69 -5.00
C ALA A 154 16.56 33.72 -4.64
N ALA A 155 16.36 33.50 -3.35
CA ALA A 155 15.28 32.68 -2.87
C ALA A 155 14.14 33.58 -2.37
N LEU A 156 12.93 33.33 -2.85
CA LEU A 156 11.76 34.02 -2.34
C LEU A 156 10.65 32.99 -2.09
N GLY A 157 9.72 33.31 -1.20
CA GLY A 157 8.67 32.35 -0.92
C GLY A 157 7.41 32.84 -0.23
N CYS A 158 6.66 31.87 0.28
CA CYS A 158 5.39 32.11 0.95
C CYS A 158 5.30 31.40 2.29
N LEU A 159 4.95 32.14 3.33
CA LEU A 159 4.69 31.56 4.65
C LEU A 159 3.18 31.26 4.78
N VAL A 160 2.84 29.99 4.83
CA VAL A 160 1.46 29.58 4.90
C VAL A 160 1.15 29.09 6.30
N LYS A 161 0.53 29.97 7.08
CA LYS A 161 0.54 29.88 8.53
C LYS A 161 -0.82 29.57 9.19
N ASP A 162 -0.79 28.68 10.18
CA ASP A 162 -1.92 28.42 11.09
C ASP A 162 -3.20 27.90 10.43
N TYR A 163 -3.15 26.71 9.86
CA TYR A 163 -4.32 26.18 9.21
C TYR A 163 -4.65 24.80 9.76
N PHE A 164 -5.89 24.35 9.56
CA PHE A 164 -6.28 23.03 10.01
C PHE A 164 -7.50 22.48 9.29
N PRO A 165 -7.45 21.21 8.88
CA PRO A 165 -6.27 20.33 8.93
C PRO A 165 -5.48 20.36 7.65
N GLU A 166 -4.51 19.47 7.54
CA GLU A 166 -3.90 19.18 6.26
C GLU A 166 -5.00 18.70 5.30
N PRO A 167 -4.79 18.85 3.99
CA PRO A 167 -3.58 19.41 3.41
C PRO A 167 -3.79 20.80 2.86
N VAL A 168 -2.68 21.47 2.58
CA VAL A 168 -2.66 22.71 1.86
C VAL A 168 -1.79 22.44 0.64
N THR A 169 -1.89 23.24 -0.42
CA THR A 169 -1.02 23.04 -1.59
C THR A 169 -0.59 24.37 -2.18
N VAL A 170 0.68 24.47 -2.51
CA VAL A 170 1.20 25.69 -3.09
C VAL A 170 1.63 25.41 -4.52
N SER A 171 1.42 26.40 -5.39
CA SER A 171 2.03 26.40 -6.71
C SER A 171 2.56 27.81 -6.96
N TRP A 172 3.26 28.02 -8.07
CA TRP A 172 3.81 29.33 -8.33
C TRP A 172 3.37 29.73 -9.71
N ASN A 173 2.99 31.01 -9.87
CA ASN A 173 2.59 31.54 -11.15
C ASN A 173 1.63 30.60 -11.88
N SER A 174 0.76 30.00 -11.07
CA SER A 174 -0.32 29.15 -11.56
C SER A 174 0.23 27.92 -12.26
N GLY A 175 1.45 27.53 -11.89
CA GLY A 175 2.06 26.34 -12.42
C GLY A 175 3.04 26.57 -13.55
N ALA A 176 3.49 27.81 -13.73
CA ALA A 176 4.51 28.12 -14.72
C ALA A 176 5.91 27.92 -14.13
N LEU A 177 6.04 28.23 -12.85
CA LEU A 177 7.29 28.00 -12.16
C LEU A 177 7.34 26.61 -11.59
N THR A 178 7.81 25.65 -12.38
CA THR A 178 7.89 24.29 -11.89
C THR A 178 9.23 24.07 -11.18
N SER A 179 10.34 24.19 -11.90
CA SER A 179 11.61 23.85 -11.29
C SER A 179 12.12 24.98 -10.39
N GLY A 180 12.85 24.61 -9.34
CA GLY A 180 13.31 25.57 -8.36
C GLY A 180 12.40 25.69 -7.15
N VAL A 181 11.24 25.04 -7.23
CA VAL A 181 10.25 25.08 -6.14
C VAL A 181 10.52 24.05 -5.04
N HIS A 182 10.68 24.49 -3.80
CA HIS A 182 10.73 23.53 -2.72
C HIS A 182 9.64 23.82 -1.67
N THR A 183 8.69 22.91 -1.53
CA THR A 183 7.68 23.12 -0.51
C THR A 183 7.97 22.25 0.71
N PHE A 184 8.07 22.89 1.86
CA PHE A 184 8.54 22.19 3.04
C PHE A 184 7.38 21.51 3.73
N PRO A 185 7.61 20.27 4.19
CA PRO A 185 6.65 19.54 5.02
C PRO A 185 6.16 20.48 6.10
N ALA A 186 4.88 20.44 6.44
CA ALA A 186 4.38 21.37 7.42
C ALA A 186 4.91 21.02 8.80
N VAL A 187 4.71 21.92 9.75
CA VAL A 187 4.96 21.64 11.14
C VAL A 187 3.63 21.70 11.89
N LEU A 188 3.47 20.75 12.83
CA LEU A 188 2.35 20.71 13.74
C LEU A 188 2.70 21.54 14.96
N GLN A 189 2.33 22.80 14.95
CA GLN A 189 2.63 23.65 16.08
C GLN A 189 1.94 23.14 17.33
N SER A 190 2.30 23.70 18.48
CA SER A 190 1.79 23.23 19.76
C SER A 190 0.36 23.68 19.99
N SER A 191 -0.23 24.27 18.96
CA SER A 191 -1.61 24.77 19.04
C SER A 191 -2.54 23.90 18.22
N GLY A 192 -2.02 22.83 17.65
CA GLY A 192 -2.79 21.98 16.76
C GLY A 192 -2.87 22.55 15.35
N LEU A 193 -2.41 23.79 15.14
CA LEU A 193 -2.44 24.32 13.78
C LEU A 193 -1.11 24.09 13.04
N TYR A 194 -1.27 23.81 11.76
CA TYR A 194 -0.21 23.61 10.80
C TYR A 194 0.36 24.90 10.26
N SER A 195 1.62 24.84 9.82
CA SER A 195 2.23 25.95 9.11
C SER A 195 3.25 25.37 8.15
N LEU A 196 3.40 25.98 6.98
CA LEU A 196 4.46 25.54 6.11
C LEU A 196 4.98 26.68 5.25
N SER A 197 6.10 26.41 4.60
N SER A 197 6.10 26.41 4.60
CA SER A 197 6.74 27.40 3.74
CA SER A 197 6.74 27.40 3.74
C SER A 197 6.98 26.82 2.35
N SER A 198 6.76 27.64 1.33
CA SER A 198 7.08 27.25 -0.02
C SER A 198 8.00 28.33 -0.54
N VAL A 199 9.18 27.91 -1.04
CA VAL A 199 10.18 28.79 -1.59
C VAL A 199 10.64 28.35 -2.97
N VAL A 200 11.04 29.32 -3.77
CA VAL A 200 11.50 29.04 -5.09
C VAL A 200 12.78 29.84 -5.27
N THR A 201 13.71 29.32 -6.07
CA THR A 201 14.94 30.02 -6.36
C THR A 201 14.83 30.59 -7.77
N VAL A 202 15.22 31.85 -7.94
CA VAL A 202 15.01 32.57 -9.20
C VAL A 202 16.23 33.38 -9.57
N PRO A 203 16.38 33.73 -10.86
CA PRO A 203 17.43 34.68 -11.25
C PRO A 203 17.19 36.06 -10.65
N SER A 204 18.20 36.59 -9.98
CA SER A 204 18.11 37.90 -9.36
C SER A 204 17.85 39.00 -10.38
N SER A 205 18.03 38.69 -11.66
CA SER A 205 17.84 39.69 -12.70
C SER A 205 16.37 39.85 -13.06
N SER A 206 15.60 38.77 -12.89
CA SER A 206 14.18 38.78 -13.20
C SER A 206 13.36 39.34 -12.04
N LEU A 207 14.03 39.75 -10.98
CA LEU A 207 13.33 40.24 -9.80
C LEU A 207 12.67 41.57 -10.05
N GLY A 208 13.22 42.34 -10.99
CA GLY A 208 12.70 43.66 -11.24
C GLY A 208 11.69 43.71 -12.38
N THR A 209 11.33 42.56 -12.92
CA THR A 209 10.48 42.49 -14.11
C THR A 209 9.41 41.41 -13.96
N GLN A 210 9.85 40.16 -14.00
CA GLN A 210 8.98 39.02 -13.79
C GLN A 210 8.32 39.09 -12.41
N THR A 211 6.99 39.12 -12.39
CA THR A 211 6.24 39.13 -11.13
C THR A 211 6.05 37.68 -10.63
N TYR A 212 6.15 37.49 -9.32
CA TYR A 212 6.04 36.15 -8.75
C TYR A 212 4.86 36.04 -7.76
N ILE A 213 4.04 35.01 -7.95
CA ILE A 213 2.85 34.83 -7.15
C ILE A 213 2.70 33.38 -6.73
N CYS A 214 2.46 33.16 -5.43
CA CYS A 214 2.19 31.81 -5.00
C CYS A 214 0.69 31.53 -4.85
N ASN A 215 0.29 30.34 -5.28
CA ASN A 215 -1.11 29.96 -5.24
C ASN A 215 -1.40 28.94 -4.16
N VAL A 216 -1.85 29.44 -3.00
CA VAL A 216 -2.21 28.58 -1.87
C VAL A 216 -3.65 28.09 -2.00
N ASN A 217 -3.85 26.81 -1.71
CA ASN A 217 -5.20 26.23 -1.68
C ASN A 217 -5.43 25.39 -0.41
N HIS A 218 -6.46 25.73 0.36
CA HIS A 218 -6.80 24.93 1.54
C HIS A 218 -8.22 24.45 1.46
N LYS A 219 -8.45 23.34 0.75
CA LYS A 219 -9.80 22.88 0.45
C LYS A 219 -10.69 22.65 1.69
N PRO A 220 -10.15 22.07 2.78
CA PRO A 220 -11.04 21.92 3.94
C PRO A 220 -11.61 23.22 4.52
N SER A 221 -11.21 24.38 4.01
CA SER A 221 -11.82 25.66 4.37
C SER A 221 -12.28 26.43 3.14
N ASN A 222 -12.12 25.85 1.96
CA ASN A 222 -12.52 26.50 0.71
C ASN A 222 -11.88 27.87 0.51
N THR A 223 -10.67 28.00 1.03
CA THR A 223 -9.91 29.22 0.96
C THR A 223 -8.87 29.07 -0.13
N LYS A 224 -8.67 30.12 -0.94
CA LYS A 224 -7.62 30.18 -1.95
C LYS A 224 -6.94 31.53 -1.92
N VAL A 225 -5.63 31.56 -1.77
CA VAL A 225 -4.97 32.84 -1.71
C VAL A 225 -3.93 32.94 -2.79
N ASP A 226 -3.92 34.09 -3.45
CA ASP A 226 -2.87 34.39 -4.41
C ASP A 226 -2.06 35.55 -3.89
N LYS A 227 -0.85 35.25 -3.45
CA LYS A 227 0.02 36.26 -2.85
C LYS A 227 1.16 36.60 -3.77
N ARG A 228 1.32 37.87 -4.08
CA ARG A 228 2.44 38.23 -4.91
C ARG A 228 3.60 38.52 -3.97
N VAL A 229 4.76 37.96 -4.29
CA VAL A 229 5.95 38.19 -3.49
C VAL A 229 6.89 39.11 -4.25
N GLU A 230 7.39 40.13 -3.57
CA GLU A 230 8.21 41.12 -4.25
C GLU A 230 9.37 41.64 -3.39
N PRO A 231 10.33 42.32 -4.04
CA PRO A 231 11.34 43.09 -3.31
C PRO A 231 10.65 44.20 -2.53
N LYS A 232 11.28 44.81 -1.54
CA LYS A 232 12.63 44.52 -1.13
C LYS A 232 12.60 43.92 0.26
N TYR B 2 -0.90 -6.29 17.22
CA TYR B 2 -0.37 -6.66 15.91
C TYR B 2 0.21 -8.07 15.99
N GLU B 3 -0.66 -9.07 15.82
CA GLU B 3 -0.30 -10.49 15.94
C GLU B 3 0.90 -10.84 15.04
N LEU B 4 1.06 -10.11 13.94
CA LEU B 4 2.30 -10.19 13.15
C LEU B 4 3.35 -9.20 13.67
N THR B 5 4.40 -9.73 14.28
CA THR B 5 5.40 -8.92 14.93
C THR B 5 6.62 -8.65 14.05
N GLN B 6 7.00 -7.38 13.93
CA GLN B 6 8.16 -6.99 13.13
C GLN B 6 9.13 -6.21 14.00
N GLU B 7 10.36 -6.07 13.52
CA GLU B 7 11.33 -5.24 14.21
C GLU B 7 10.95 -3.79 13.99
N THR B 8 11.08 -2.99 15.02
CA THR B 8 10.82 -1.56 14.88
C THR B 8 11.76 -0.96 13.87
N GLY B 9 13.05 -1.08 14.16
CA GLY B 9 14.06 -0.49 13.31
C GLY B 9 15.23 -1.43 13.12
N VAL B 10 15.76 -1.43 11.90
CA VAL B 10 16.94 -2.20 11.55
C VAL B 10 17.81 -1.35 10.62
N SER B 11 19.10 -1.32 10.89
CA SER B 11 20.04 -0.61 10.04
C SER B 11 20.86 -1.57 9.20
N VAL B 12 21.37 -1.05 8.09
CA VAL B 12 22.22 -1.84 7.22
C VAL B 12 23.24 -0.94 6.55
N ALA B 13 24.50 -1.35 6.55
CA ALA B 13 25.51 -0.60 5.83
C ALA B 13 25.14 -0.62 4.35
N LEU B 14 25.39 0.49 3.67
CA LEU B 14 25.14 0.54 2.23
C LEU B 14 25.94 -0.56 1.53
N GLY B 15 25.28 -1.27 0.63
CA GLY B 15 25.92 -2.38 -0.08
C GLY B 15 25.80 -3.71 0.62
N ARG B 16 25.63 -3.70 1.93
CA ARG B 16 25.52 -4.95 2.67
C ARG B 16 24.12 -5.59 2.61
N THR B 17 24.01 -6.77 3.21
CA THR B 17 22.80 -7.58 3.16
C THR B 17 22.09 -7.57 4.51
N VAL B 18 20.77 -7.50 4.48
CA VAL B 18 19.98 -7.39 5.69
C VAL B 18 18.69 -8.20 5.56
N THR B 19 18.26 -8.84 6.65
CA THR B 19 17.00 -9.58 6.64
C THR B 19 16.04 -9.07 7.71
N ILE B 20 14.85 -8.66 7.28
CA ILE B 20 13.80 -8.32 8.21
C ILE B 20 12.81 -9.48 8.35
N THR B 21 12.32 -9.72 9.56
CA THR B 21 11.43 -10.84 9.74
C THR B 21 10.06 -10.45 10.25
N CYS B 22 9.14 -11.40 10.19
CA CYS B 22 7.74 -11.21 10.59
C CYS B 22 7.23 -12.50 11.23
N ARG B 23 6.75 -12.40 12.45
CA ARG B 23 6.37 -13.62 13.18
C ARG B 23 4.94 -13.60 13.69
N GLY B 24 4.30 -14.75 13.61
CA GLY B 24 2.94 -14.88 14.07
C GLY B 24 2.46 -16.30 13.91
N ASP B 25 1.44 -16.66 14.67
CA ASP B 25 0.92 -18.01 14.59
C ASP B 25 0.32 -18.31 13.24
N SER B 26 -0.20 -17.29 12.55
CA SER B 26 -0.91 -17.55 11.30
C SER B 26 0.06 -17.90 10.21
N LEU B 27 1.30 -17.44 10.34
CA LEU B 27 2.35 -17.78 9.39
C LEU B 27 2.64 -19.28 9.35
N ARG B 28 2.33 -20.02 10.41
CA ARG B 28 2.46 -21.48 10.33
C ARG B 28 1.57 -22.07 9.24
N SER B 29 0.51 -21.33 8.87
CA SER B 29 -0.44 -21.79 7.85
C SER B 29 -0.44 -20.97 6.57
N HIS B 30 -0.03 -19.72 6.66
CA HIS B 30 -0.18 -18.83 5.52
C HIS B 30 1.10 -18.10 5.24
N TYR B 31 1.40 -17.91 3.97
CA TYR B 31 2.52 -17.08 3.55
C TYR B 31 2.25 -15.62 3.84
N ALA B 32 3.28 -14.80 3.71
CA ALA B 32 3.18 -13.36 3.88
C ALA B 32 3.57 -12.67 2.57
N SER B 33 3.21 -11.41 2.44
CA SER B 33 3.58 -10.62 1.29
C SER B 33 4.22 -9.36 1.83
N TRP B 34 5.04 -8.70 1.01
CA TRP B 34 5.90 -7.67 1.55
C TRP B 34 5.79 -6.40 0.75
N TYR B 35 5.81 -5.28 1.47
CA TYR B 35 5.55 -3.98 0.88
C TYR B 35 6.58 -2.96 1.35
N GLN B 36 7.00 -2.08 0.44
CA GLN B 36 7.90 -0.98 0.79
C GLN B 36 7.08 0.28 0.74
N LYS B 37 7.22 1.13 1.76
CA LYS B 37 6.51 2.39 1.77
C LYS B 37 7.37 3.54 2.27
N LYS B 38 7.41 4.59 1.48
CA LYS B 38 8.04 5.82 1.92
C LYS B 38 6.96 6.87 2.07
N PRO B 39 7.12 7.75 3.06
CA PRO B 39 6.14 8.80 3.33
C PRO B 39 5.83 9.66 2.10
N GLY B 40 4.55 9.85 1.83
CA GLY B 40 4.11 10.65 0.70
C GLY B 40 3.91 9.79 -0.54
N GLN B 41 4.19 8.51 -0.41
CA GLN B 41 4.08 7.63 -1.58
C GLN B 41 3.22 6.40 -1.34
N ALA B 42 2.69 5.87 -2.42
CA ALA B 42 1.93 4.64 -2.36
C ALA B 42 2.90 3.48 -2.06
N PRO B 43 2.42 2.48 -1.32
CA PRO B 43 3.25 1.29 -1.07
C PRO B 43 3.63 0.55 -2.35
N ILE B 44 4.66 -0.28 -2.27
CA ILE B 44 5.14 -1.12 -3.36
C ILE B 44 5.17 -2.60 -2.99
N LEU B 45 4.45 -3.44 -3.72
CA LEU B 45 4.52 -4.88 -3.50
C LEU B 45 5.90 -5.36 -3.93
N LEU B 46 6.67 -5.91 -2.99
CA LEU B 46 8.02 -6.39 -3.29
C LEU B 46 8.05 -7.89 -3.55
N PHE B 47 7.31 -8.63 -2.73
CA PHE B 47 7.42 -10.09 -2.73
C PHE B 47 6.20 -10.73 -2.06
N TYR B 48 5.75 -11.87 -2.61
CA TYR B 48 4.69 -12.64 -1.95
C TYR B 48 4.82 -14.13 -2.19
N GLY B 49 3.87 -14.88 -1.65
CA GLY B 49 3.78 -16.31 -1.88
C GLY B 49 4.93 -17.05 -1.25
N LYS B 50 5.21 -18.23 -1.76
CA LYS B 50 6.37 -18.96 -1.30
C LYS B 50 7.61 -18.53 -2.08
N ASN B 51 7.42 -18.04 -3.31
CA ASN B 51 8.58 -17.66 -4.11
C ASN B 51 8.25 -16.72 -5.26
N ASN B 52 7.41 -15.72 -4.97
CA ASN B 52 6.93 -14.87 -6.04
C ASN B 52 7.34 -13.40 -5.93
N ARG B 53 8.09 -12.92 -6.91
CA ARG B 53 8.45 -11.50 -7.00
C ARG B 53 7.88 -10.86 -8.26
N PRO B 54 7.09 -9.79 -8.10
CA PRO B 54 6.46 -9.04 -9.19
C PRO B 54 7.47 -8.32 -10.05
N SER B 55 7.21 -8.35 -11.36
CA SER B 55 8.11 -7.75 -12.32
C SER B 55 8.33 -6.28 -12.03
N GLY B 56 9.51 -5.78 -12.33
CA GLY B 56 9.84 -4.39 -12.08
C GLY B 56 10.44 -4.22 -10.71
N VAL B 57 10.36 -5.27 -9.89
CA VAL B 57 11.03 -5.22 -8.60
C VAL B 57 12.41 -5.82 -8.72
N PRO B 58 13.43 -5.07 -8.28
CA PRO B 58 14.84 -5.46 -8.31
C PRO B 58 15.08 -6.84 -7.71
N ASP B 59 16.16 -7.47 -8.14
CA ASP B 59 16.44 -8.83 -7.71
C ASP B 59 16.95 -8.88 -6.28
N ARG B 60 17.40 -7.75 -5.75
CA ARG B 60 17.91 -7.70 -4.39
C ARG B 60 16.88 -8.16 -3.34
N PHE B 61 15.62 -8.28 -3.75
CA PHE B 61 14.57 -8.60 -2.78
C PHE B 61 14.20 -10.07 -2.84
N SER B 62 14.14 -10.70 -1.68
CA SER B 62 13.63 -12.05 -1.62
C SER B 62 12.87 -12.33 -0.33
N GLY B 63 11.82 -13.14 -0.44
CA GLY B 63 11.09 -13.55 0.74
C GLY B 63 11.34 -15.01 1.05
N SER B 64 11.17 -15.38 2.31
CA SER B 64 11.26 -16.80 2.71
C SER B 64 10.44 -17.06 3.96
N ALA B 65 10.30 -18.33 4.33
CA ALA B 65 9.34 -18.70 5.35
C ALA B 65 9.74 -19.96 6.09
N SER B 66 9.68 -19.91 7.42
CA SER B 66 9.92 -21.11 8.21
C SER B 66 9.16 -21.03 9.54
N GLY B 67 8.48 -22.11 9.89
CA GLY B 67 7.70 -22.18 11.12
C GLY B 67 6.63 -21.10 11.23
N ASN B 68 6.79 -20.27 12.24
CA ASN B 68 5.87 -19.16 12.45
C ASN B 68 6.47 -17.83 12.04
N ARG B 69 7.51 -17.86 11.21
CA ARG B 69 8.09 -16.60 10.81
C ARG B 69 8.29 -16.48 9.32
N ALA B 70 8.34 -15.24 8.85
CA ALA B 70 8.50 -14.94 7.45
C ALA B 70 9.52 -13.84 7.41
N SER B 71 10.27 -13.77 6.31
CA SER B 71 11.36 -12.80 6.25
C SER B 71 11.69 -12.33 4.84
N LEU B 72 12.06 -11.06 4.76
CA LEU B 72 12.45 -10.41 3.53
C LEU B 72 13.94 -10.17 3.63
N THR B 73 14.66 -10.46 2.55
CA THR B 73 16.09 -10.23 2.56
C THR B 73 16.47 -9.26 1.44
N ILE B 74 17.09 -8.16 1.81
CA ILE B 74 17.61 -7.23 0.85
C ILE B 74 19.10 -7.44 0.75
N SER B 75 19.54 -7.97 -0.38
CA SER B 75 20.96 -8.23 -0.62
C SER B 75 21.61 -7.07 -1.34
N GLY B 76 22.56 -6.40 -0.70
CA GLY B 76 23.19 -5.25 -1.33
C GLY B 76 22.27 -4.05 -1.33
N ALA B 77 21.88 -3.65 -0.12
CA ALA B 77 21.03 -2.50 0.16
C ALA B 77 21.48 -1.21 -0.51
N GLN B 78 20.54 -0.52 -1.13
CA GLN B 78 20.77 0.75 -1.80
C GLN B 78 20.19 1.93 -1.03
N ALA B 79 20.48 3.14 -1.50
CA ALA B 79 19.98 4.35 -0.87
C ALA B 79 18.44 4.42 -1.00
N GLU B 80 17.93 4.00 -2.16
CA GLU B 80 16.50 3.95 -2.42
C GLU B 80 15.78 3.01 -1.48
N ASP B 81 16.50 2.02 -0.98
CA ASP B 81 15.92 0.99 -0.13
C ASP B 81 15.60 1.49 1.27
N ASP B 82 16.12 2.66 1.62
CA ASP B 82 15.85 3.25 2.92
C ASP B 82 14.37 3.65 2.98
N ALA B 83 13.58 2.87 3.73
CA ALA B 83 12.13 3.03 3.77
C ALA B 83 11.46 2.26 4.90
N GLU B 84 10.15 2.16 4.81
CA GLU B 84 9.41 1.32 5.74
C GLU B 84 9.05 0.04 5.01
N TYR B 85 9.11 -1.07 5.73
CA TYR B 85 8.72 -2.35 5.15
C TYR B 85 7.62 -2.99 6.00
N TYR B 86 6.53 -3.37 5.36
CA TYR B 86 5.45 -4.08 6.06
C TYR B 86 5.23 -5.47 5.50
N CYS B 87 4.92 -6.42 6.38
CA CYS B 87 4.40 -7.70 5.90
CA CYS B 87 4.40 -7.71 5.91
C CYS B 87 2.87 -7.78 6.13
C CYS B 87 2.87 -7.78 6.13
N SER B 88 2.22 -8.61 5.33
CA SER B 88 0.79 -8.80 5.43
C SER B 88 0.43 -10.26 5.21
N SER B 89 -0.56 -10.74 5.95
CA SER B 89 -1.01 -12.11 5.89
C SER B 89 -2.40 -12.28 6.56
N ARG B 90 -2.87 -13.52 6.68
CA ARG B 90 -4.06 -13.80 7.44
C ARG B 90 -3.84 -13.38 8.90
N ASP B 91 -4.91 -13.03 9.61
CA ASP B 91 -4.77 -12.69 11.03
C ASP B 91 -4.86 -13.94 11.88
N LYS B 92 -5.67 -14.88 11.43
CA LYS B 92 -5.72 -16.15 12.08
C LYS B 92 -5.57 -17.17 11.00
N SER B 93 -5.32 -18.41 11.38
N SER B 93 -5.32 -18.41 11.39
CA SER B 93 -5.29 -19.49 10.40
CA SER B 93 -5.32 -19.51 10.44
C SER B 93 -6.70 -19.75 9.85
C SER B 93 -6.72 -19.73 9.86
N GLY B 94 -6.80 -19.76 8.53
CA GLY B 94 -8.03 -20.07 7.84
C GLY B 94 -8.93 -18.87 7.69
N SER B 95 -8.40 -17.69 7.97
CA SER B 95 -9.18 -16.46 7.98
C SER B 95 -9.44 -15.89 6.58
N ARG B 96 -10.64 -15.35 6.34
CA ARG B 96 -10.93 -14.54 5.15
C ARG B 96 -10.45 -13.10 5.29
N LEU B 97 -10.01 -12.73 6.50
CA LEU B 97 -9.51 -11.39 6.80
C LEU B 97 -8.00 -11.31 6.65
N SER B 98 -7.49 -10.09 6.52
CA SER B 98 -6.05 -9.93 6.41
C SER B 98 -5.54 -8.97 7.47
N VAL B 99 -4.23 -8.84 7.58
CA VAL B 99 -3.66 -8.04 8.64
C VAL B 99 -2.29 -7.62 8.22
N PHE B 100 -1.79 -6.57 8.85
CA PHE B 100 -0.47 -6.04 8.58
C PHE B 100 0.37 -6.10 9.82
N GLY B 101 1.67 -6.35 9.63
CA GLY B 101 2.62 -6.21 10.72
C GLY B 101 2.78 -4.76 11.13
N GLY B 102 3.43 -4.55 12.27
CA GLY B 102 3.69 -3.21 12.79
C GLY B 102 4.54 -2.35 11.86
N GLY B 103 5.41 -2.99 11.08
CA GLY B 103 6.27 -2.27 10.15
C GLY B 103 7.67 -2.04 10.64
N THR B 104 8.65 -2.33 9.77
CA THR B 104 10.07 -2.18 10.07
C THR B 104 10.69 -0.98 9.33
N LYS B 105 11.20 -0.01 10.07
CA LYS B 105 11.94 1.10 9.47
C LYS B 105 13.39 0.67 9.18
N LEU B 106 13.75 0.65 7.91
CA LEU B 106 15.09 0.26 7.50
C LEU B 106 15.91 1.48 7.10
N THR B 107 16.76 1.94 8.01
CA THR B 107 17.69 3.01 7.72
C THR B 107 18.99 2.44 7.13
N VAL B 108 19.41 2.99 6.00
CA VAL B 108 20.63 2.53 5.35
C VAL B 108 21.85 3.36 5.77
N LEU B 109 22.87 2.71 6.38
CA LEU B 109 24.03 3.42 6.95
C LEU B 109 25.18 3.65 5.96
N SER B 110 26.23 4.32 6.45
CA SER B 110 27.29 4.91 5.63
C SER B 110 26.71 6.04 4.76
N GLN B 111 27.12 6.14 3.49
CA GLN B 111 26.82 7.31 2.62
C GLN B 111 27.34 8.60 3.24
N PRO B 112 28.16 9.34 2.48
CA PRO B 112 28.99 10.29 3.21
C PRO B 112 28.22 11.54 3.62
N LYS B 113 28.57 12.04 4.80
CA LYS B 113 28.06 13.26 5.37
C LYS B 113 27.74 14.34 4.32
N ALA B 114 26.59 14.98 4.45
CA ALA B 114 26.26 16.12 3.59
C ALA B 114 25.80 17.25 4.46
N ALA B 115 26.42 18.39 4.32
CA ALA B 115 26.23 19.44 5.30
C ALA B 115 24.95 20.22 4.99
N PRO B 116 24.30 20.77 6.02
CA PRO B 116 23.02 21.45 5.80
C PRO B 116 23.20 22.88 5.31
N SER B 117 22.47 23.26 4.27
CA SER B 117 22.42 24.66 3.90
C SER B 117 21.24 25.25 4.65
N VAL B 118 21.33 26.54 4.98
CA VAL B 118 20.37 27.15 5.87
C VAL B 118 19.90 28.47 5.28
N THR B 119 18.58 28.69 5.28
CA THR B 119 18.01 29.93 4.78
C THR B 119 17.12 30.55 5.84
N LEU B 120 17.38 31.80 6.19
CA LEU B 120 16.68 32.45 7.29
C LEU B 120 15.88 33.69 6.83
N PHE B 121 14.55 33.62 6.92
CA PHE B 121 13.69 34.74 6.47
C PHE B 121 13.18 35.55 7.64
N PRO B 122 13.41 36.86 7.62
CA PRO B 122 12.84 37.76 8.63
C PRO B 122 11.33 37.85 8.47
N PRO B 123 10.59 38.19 9.55
CA PRO B 123 9.14 38.38 9.49
C PRO B 123 8.75 39.44 8.47
N SER B 124 7.78 39.15 7.60
CA SER B 124 7.41 40.10 6.55
C SER B 124 6.74 41.34 7.11
N SER B 125 6.76 42.44 6.36
CA SER B 125 6.21 43.67 6.89
C SER B 125 4.70 43.54 6.93
N GLU B 126 4.17 42.77 6.00
CA GLU B 126 2.74 42.47 5.95
C GLU B 126 2.26 41.75 7.23
N GLU B 127 3.00 40.74 7.66
CA GLU B 127 2.72 40.04 8.93
C GLU B 127 2.81 40.98 10.13
N LEU B 128 3.87 41.78 10.16
CA LEU B 128 4.03 42.78 11.20
C LEU B 128 2.83 43.71 11.26
N GLN B 129 2.21 43.95 10.11
CA GLN B 129 1.04 44.82 10.07
C GLN B 129 -0.18 44.12 10.65
N ALA B 130 -0.11 42.81 10.83
CA ALA B 130 -1.19 42.04 11.41
C ALA B 130 -0.83 41.59 12.82
N ASN B 131 0.06 42.37 13.46
CA ASN B 131 0.51 42.14 14.83
C ASN B 131 1.07 40.76 15.12
N LYS B 132 1.77 40.18 14.15
CA LYS B 132 2.43 38.90 14.37
C LYS B 132 3.82 38.96 13.78
N ALA B 133 4.69 38.01 14.14
CA ALA B 133 6.05 37.99 13.60
C ALA B 133 6.68 36.61 13.66
N THR B 134 6.92 36.03 12.49
CA THR B 134 7.43 34.67 12.36
C THR B 134 8.74 34.63 11.62
N LEU B 135 9.76 34.07 12.27
CA LEU B 135 11.05 33.90 11.68
C LEU B 135 11.08 32.51 11.07
N VAL B 136 11.49 32.42 9.80
CA VAL B 136 11.44 31.17 9.05
C VAL B 136 12.84 30.64 8.69
N CYS B 137 13.22 29.53 9.31
CA CYS B 137 14.54 28.95 9.09
C CYS B 137 14.43 27.61 8.37
N LEU B 138 14.95 27.58 7.14
CA LEU B 138 14.79 26.43 6.27
C LEU B 138 16.12 25.71 6.15
N ILE B 139 16.07 24.40 6.29
CA ILE B 139 17.26 23.57 6.34
C ILE B 139 17.16 22.47 5.32
N SER B 140 18.19 22.31 4.50
N SER B 140 18.17 22.32 4.48
CA SER B 140 18.10 21.44 3.35
CA SER B 140 18.08 21.42 3.35
C SER B 140 19.38 20.67 3.05
C SER B 140 19.37 20.67 3.05
N ASP B 141 19.22 19.54 2.37
CA ASP B 141 20.34 18.72 1.90
C ASP B 141 21.36 18.33 2.96
N PHE B 142 20.88 17.90 4.13
CA PHE B 142 21.80 17.38 5.11
C PHE B 142 21.68 15.88 5.20
N TYR B 143 22.80 15.23 5.47
CA TYR B 143 22.77 13.81 5.67
C TYR B 143 23.94 13.42 6.55
N PRO B 144 23.71 12.55 7.54
CA PRO B 144 22.43 11.85 7.77
C PRO B 144 21.33 12.75 8.36
N GLY B 145 20.18 12.16 8.67
CA GLY B 145 18.96 12.89 8.92
C GLY B 145 18.71 13.39 10.33
N ALA B 146 19.69 14.09 10.89
CA ALA B 146 19.56 14.66 12.22
C ALA B 146 20.22 16.02 12.29
N VAL B 147 19.50 16.97 12.87
CA VAL B 147 20.08 18.28 13.10
C VAL B 147 19.58 18.80 14.42
N THR B 148 20.09 19.97 14.77
CA THR B 148 19.72 20.61 16.01
C THR B 148 19.67 22.12 15.77
N VAL B 149 18.46 22.67 15.92
CA VAL B 149 18.21 24.08 15.72
C VAL B 149 18.15 24.80 17.06
N ALA B 150 18.71 25.99 17.11
CA ALA B 150 18.67 26.82 18.29
C ALA B 150 18.53 28.25 17.83
N TRP B 151 17.74 29.01 18.56
CA TRP B 151 17.49 30.39 18.20
C TRP B 151 18.16 31.32 19.21
N LYS B 152 18.54 32.51 18.76
CA LYS B 152 19.11 33.48 19.69
C LYS B 152 18.39 34.83 19.65
N ALA B 153 18.22 35.43 20.82
CA ALA B 153 17.85 36.83 20.93
C ALA B 153 19.14 37.59 21.17
N ASP B 154 19.58 38.33 20.16
CA ASP B 154 20.96 38.84 20.11
C ASP B 154 21.89 37.66 20.27
N SER B 155 22.39 37.46 21.49
CA SER B 155 23.26 36.33 21.76
C SER B 155 22.74 35.47 22.90
N SER B 156 21.56 35.81 23.40
CA SER B 156 20.92 35.01 24.43
C SER B 156 20.05 33.94 23.77
N PRO B 157 20.00 32.73 24.36
CA PRO B 157 19.20 31.66 23.74
C PRO B 157 17.72 31.85 23.97
N VAL B 158 16.92 31.24 23.11
CA VAL B 158 15.48 31.42 23.08
C VAL B 158 14.81 30.09 22.88
N LYS B 159 14.12 29.60 23.90
CA LYS B 159 13.42 28.32 23.78
C LYS B 159 11.93 28.51 23.46
N ALA B 160 11.29 29.49 24.07
CA ALA B 160 9.85 29.71 23.87
C ALA B 160 9.49 30.28 22.48
N GLY B 161 8.44 29.73 21.88
CA GLY B 161 7.97 30.21 20.59
C GLY B 161 8.57 29.46 19.43
N VAL B 162 9.29 28.40 19.72
CA VAL B 162 9.96 27.66 18.67
C VAL B 162 9.16 26.44 18.26
N GLU B 163 9.00 26.23 16.96
CA GLU B 163 8.44 24.99 16.45
C GLU B 163 9.35 24.47 15.37
N THR B 164 9.83 23.24 15.54
CA THR B 164 10.74 22.61 14.60
C THR B 164 10.19 21.26 14.13
N THR B 165 10.20 21.05 12.82
CA THR B 165 9.83 19.76 12.27
C THR B 165 10.93 18.76 12.53
N THR B 166 10.53 17.51 12.48
CA THR B 166 11.44 16.40 12.37
C THR B 166 11.83 16.27 10.91
N PRO B 167 13.10 15.90 10.64
CA PRO B 167 13.67 15.83 9.29
C PRO B 167 12.87 14.98 8.32
N SER B 168 12.88 15.36 7.05
CA SER B 168 12.14 14.62 6.03
C SER B 168 13.02 14.31 4.84
N LYS B 169 12.91 13.09 4.33
CA LYS B 169 13.62 12.67 3.13
C LYS B 169 13.19 13.48 1.89
N GLN B 170 14.14 14.21 1.30
CA GLN B 170 13.97 14.78 -0.03
C GLN B 170 14.09 13.69 -1.06
N SER B 171 13.84 14.02 -2.32
CA SER B 171 13.92 13.05 -3.42
C SER B 171 15.34 12.54 -3.66
N ASN B 172 16.34 13.31 -3.25
CA ASN B 172 17.73 12.93 -3.50
C ASN B 172 18.35 12.17 -2.32
N ASN B 173 17.47 11.60 -1.50
CA ASN B 173 17.84 10.75 -0.36
C ASN B 173 18.51 11.50 0.79
N LYS B 174 18.63 12.80 0.67
CA LYS B 174 19.02 13.61 1.82
C LYS B 174 17.78 14.19 2.53
N TYR B 175 18.00 15.13 3.45
CA TYR B 175 16.98 15.49 4.42
C TYR B 175 16.72 16.98 4.52
N ALA B 176 15.51 17.35 4.89
CA ALA B 176 15.15 18.77 5.02
C ALA B 176 14.36 18.96 6.30
N ALA B 177 14.29 20.21 6.79
CA ALA B 177 13.58 20.49 8.02
C ALA B 177 13.27 21.98 8.17
N SER B 178 12.32 22.30 9.05
CA SER B 178 11.94 23.69 9.26
C SER B 178 11.89 23.97 10.73
N SER B 179 12.24 25.18 11.08
CA SER B 179 12.04 25.65 12.43
C SER B 179 11.49 27.05 12.36
N TYR B 180 10.46 27.34 13.15
CA TYR B 180 9.84 28.67 13.13
C TYR B 180 9.90 29.30 14.51
N LEU B 181 10.13 30.61 14.54
CA LEU B 181 10.20 31.32 15.80
C LEU B 181 9.11 32.40 15.84
N SER B 182 8.06 32.13 16.60
CA SER B 182 6.94 33.07 16.74
C SER B 182 7.20 34.03 17.89
N LEU B 183 7.15 35.32 17.60
CA LEU B 183 7.30 36.29 18.67
C LEU B 183 6.40 37.49 18.41
N THR B 184 6.20 38.32 19.43
CA THR B 184 5.41 39.53 19.21
C THR B 184 6.31 40.55 18.53
N PRO B 185 5.72 41.36 17.64
CA PRO B 185 6.50 42.34 16.89
C PRO B 185 7.31 43.25 17.81
N GLU B 186 6.85 43.47 19.03
CA GLU B 186 7.60 44.28 19.97
C GLU B 186 8.91 43.60 20.22
N GLN B 187 8.84 42.29 20.42
CA GLN B 187 10.05 41.51 20.63
C GLN B 187 10.97 41.58 19.42
N TRP B 188 10.38 41.48 18.23
CA TRP B 188 11.15 41.56 16.99
C TRP B 188 11.94 42.85 16.93
N LYS B 189 11.27 43.96 17.22
CA LYS B 189 11.85 45.31 17.14
C LYS B 189 12.73 45.72 18.32
N SER B 190 12.60 45.03 19.45
CA SER B 190 13.31 45.44 20.66
C SER B 190 14.66 44.74 20.83
N HIS B 191 15.14 44.12 19.77
CA HIS B 191 16.46 43.48 19.75
C HIS B 191 17.25 43.89 18.52
N ARG B 192 18.56 43.63 18.56
CA ARG B 192 19.42 43.98 17.43
C ARG B 192 19.49 42.84 16.40
N SER B 193 19.20 41.61 16.85
CA SER B 193 19.39 40.42 16.00
C SER B 193 18.71 39.17 16.54
N TYR B 194 18.26 38.33 15.63
CA TYR B 194 17.76 37.00 15.98
C TYR B 194 18.56 35.99 15.18
N SER B 195 18.90 34.85 15.78
CA SER B 195 19.77 33.93 15.04
C SER B 195 19.22 32.52 15.00
N CYS B 196 19.44 31.86 13.88
CA CYS B 196 19.02 30.49 13.67
C CYS B 196 20.30 29.67 13.51
N GLN B 197 20.57 28.80 14.47
CA GLN B 197 21.84 28.10 14.53
C GLN B 197 21.65 26.61 14.39
N VAL B 198 22.06 26.06 13.25
CA VAL B 198 21.84 24.64 12.95
C VAL B 198 23.11 23.83 13.18
N THR B 199 23.04 22.84 14.07
CA THR B 199 24.21 22.01 14.32
C THR B 199 24.02 20.64 13.70
N HIS B 200 25.02 20.21 12.93
CA HIS B 200 24.98 18.94 12.24
C HIS B 200 26.34 18.26 12.37
N GLU B 201 26.40 17.32 13.30
CA GLU B 201 27.57 16.51 13.60
C GLU B 201 28.80 17.34 13.84
N GLY B 202 28.78 18.12 14.90
CA GLY B 202 29.91 18.96 15.29
C GLY B 202 29.98 20.26 14.52
N SER B 203 29.48 20.25 13.29
CA SER B 203 29.56 21.43 12.43
C SER B 203 28.33 22.31 12.58
N THR B 204 28.56 23.62 12.52
CA THR B 204 27.53 24.56 12.87
C THR B 204 27.45 25.68 11.87
N VAL B 205 26.24 25.97 11.41
CA VAL B 205 26.03 27.14 10.57
C VAL B 205 25.00 28.03 11.26
N GLU B 206 25.37 29.29 11.51
CA GLU B 206 24.46 30.24 12.10
C GLU B 206 24.10 31.35 11.10
N LYS B 207 22.79 31.54 10.93
CA LYS B 207 22.30 32.67 10.15
C LYS B 207 21.67 33.70 11.08
N THR B 208 21.91 34.96 10.80
CA THR B 208 21.40 36.03 11.64
C THR B 208 20.70 37.07 10.77
N VAL B 209 19.52 37.51 11.20
CA VAL B 209 18.80 38.61 10.55
C VAL B 209 18.49 39.65 11.58
N ALA B 210 18.22 40.86 11.11
CA ALA B 210 17.91 41.97 11.99
C ALA B 210 16.75 42.77 11.45
N PRO B 211 16.05 43.50 12.34
CA PRO B 211 15.09 44.49 11.90
C PRO B 211 15.76 45.60 11.09
N THR B 212 15.77 45.45 9.76
CA THR B 212 16.26 46.47 8.82
C THR B 212 16.08 46.00 7.37
N GLU B 213 14.99 46.44 6.73
CA GLU B 213 14.72 46.13 5.33
C GLU B 213 14.81 47.38 4.46
N GLN C 4 -22.54 -27.20 0.76
CA GLN C 4 -23.43 -27.04 -0.38
C GLN C 4 -22.93 -25.90 -1.26
N GLY C 5 -21.86 -25.26 -0.85
CA GLY C 5 -21.29 -24.20 -1.67
C GLY C 5 -21.00 -24.77 -3.05
N ILE C 6 -20.99 -26.10 -3.15
CA ILE C 6 -20.71 -26.79 -4.39
C ILE C 6 -21.72 -27.87 -4.72
N HIS C 7 -22.08 -27.91 -5.99
CA HIS C 7 -23.00 -28.89 -6.52
C HIS C 7 -22.24 -30.15 -6.91
N PHE C 8 -22.54 -31.25 -6.23
CA PHE C 8 -21.98 -32.54 -6.57
C PHE C 8 -23.12 -33.54 -6.69
N ARG C 9 -23.54 -33.78 -7.92
CA ARG C 9 -24.67 -34.66 -8.20
C ARG C 9 -24.20 -36.09 -8.44
N ARG C 10 -25.17 -37.00 -8.56
CA ARG C 10 -24.90 -38.42 -8.71
C ARG C 10 -24.34 -38.72 -10.09
N HIS C 11 -24.82 -37.98 -11.08
CA HIS C 11 -24.38 -38.18 -12.43
C HIS C 11 -23.12 -37.36 -12.72
N TYR C 12 -22.51 -36.83 -11.66
CA TYR C 12 -21.20 -36.17 -11.78
C TYR C 12 -20.08 -37.18 -11.50
N VAL C 13 -20.46 -38.43 -11.29
CA VAL C 13 -19.52 -39.53 -11.10
C VAL C 13 -19.69 -40.56 -12.22
N ARG C 14 -18.63 -40.85 -12.96
CA ARG C 14 -18.74 -41.84 -14.02
C ARG C 14 -17.43 -42.57 -14.32
N HIS C 15 -17.54 -43.80 -14.80
CA HIS C 15 -16.38 -44.58 -15.24
C HIS C 15 -16.12 -44.37 -16.72
N LEU C 16 -14.87 -44.51 -17.14
CA LEU C 16 -14.52 -44.31 -18.54
C LEU C 16 -13.79 -45.53 -19.09
N PRO C 17 -14.13 -45.92 -20.32
CA PRO C 17 -13.51 -47.04 -21.03
C PRO C 17 -12.03 -46.84 -21.31
N LYS C 18 -11.36 -47.86 -21.81
CA LYS C 18 -9.91 -47.82 -22.04
C LYS C 18 -9.54 -47.04 -23.30
N GLU C 19 -10.49 -46.93 -24.22
CA GLU C 19 -10.22 -46.31 -25.51
C GLU C 19 -10.43 -44.80 -25.50
N VAL C 20 -10.26 -44.15 -24.35
CA VAL C 20 -10.46 -42.70 -24.29
C VAL C 20 -9.14 -41.95 -24.14
N SER C 21 -9.06 -40.78 -24.78
CA SER C 21 -7.87 -39.95 -24.72
C SER C 21 -8.03 -38.89 -23.66
N GLN C 22 -7.04 -38.01 -23.56
CA GLN C 22 -7.11 -36.92 -22.60
C GLN C 22 -8.35 -36.05 -22.86
N ASN C 23 -8.52 -35.56 -24.10
CA ASN C 23 -9.69 -34.76 -24.44
C ASN C 23 -11.01 -35.47 -24.23
N ASP C 24 -11.03 -36.77 -24.52
CA ASP C 24 -12.20 -37.59 -24.26
C ASP C 24 -12.62 -37.48 -22.79
N ILE C 25 -11.67 -37.65 -21.86
CA ILE C 25 -11.97 -37.55 -20.43
C ILE C 25 -12.61 -36.19 -20.11
N ILE C 26 -11.93 -35.11 -20.52
CA ILE C 26 -12.44 -33.75 -20.31
C ILE C 26 -13.86 -33.57 -20.86
N LYS C 27 -14.10 -34.03 -22.07
CA LYS C 27 -15.41 -33.84 -22.66
C LYS C 27 -16.45 -34.67 -21.89
N ALA C 28 -16.14 -35.94 -21.66
CA ALA C 28 -17.03 -36.82 -20.89
C ALA C 28 -17.40 -36.23 -19.52
N LEU C 29 -16.44 -35.61 -18.86
CA LEU C 29 -16.66 -35.11 -17.51
C LEU C 29 -17.31 -33.73 -17.48
N ALA C 30 -17.14 -32.98 -18.57
CA ALA C 30 -17.64 -31.60 -18.59
C ALA C 30 -19.13 -31.55 -18.94
N SER C 31 -19.59 -32.51 -19.74
CA SER C 31 -20.97 -32.52 -20.22
C SER C 31 -22.06 -32.52 -19.13
N PRO C 32 -21.92 -33.30 -18.04
CA PRO C 32 -22.95 -33.20 -17.01
C PRO C 32 -23.01 -31.79 -16.46
N LEU C 33 -21.83 -31.16 -16.38
CA LEU C 33 -21.74 -29.79 -15.88
C LEU C 33 -22.39 -28.84 -16.86
N ILE C 34 -22.28 -29.19 -18.14
CA ILE C 34 -22.82 -28.34 -19.19
C ILE C 34 -24.35 -28.45 -19.23
N ASN C 35 -24.86 -29.68 -19.27
CA ASN C 35 -26.29 -29.93 -19.34
C ASN C 35 -27.03 -29.23 -18.21
N ASP C 36 -26.47 -29.33 -17.00
CA ASP C 36 -27.07 -28.71 -15.83
C ASP C 36 -26.90 -27.20 -15.89
N GLY C 37 -26.10 -26.71 -16.83
CA GLY C 37 -25.85 -25.29 -16.94
C GLY C 37 -24.91 -24.78 -15.86
N MET C 38 -24.06 -25.67 -15.35
CA MET C 38 -23.10 -25.30 -14.31
C MET C 38 -21.92 -24.48 -14.85
N VAL C 39 -21.63 -24.66 -16.14
CA VAL C 39 -20.53 -23.96 -16.79
C VAL C 39 -20.97 -23.44 -18.14
N VAL C 40 -20.07 -22.75 -18.84
CA VAL C 40 -20.37 -22.33 -20.20
C VAL C 40 -20.36 -23.54 -21.13
N SER C 41 -20.91 -23.36 -22.32
CA SER C 41 -21.23 -24.47 -23.21
C SER C 41 -20.04 -24.96 -24.03
N ASP C 42 -18.89 -24.33 -23.85
CA ASP C 42 -17.66 -24.78 -24.49
C ASP C 42 -16.58 -24.88 -23.44
N PHE C 43 -17.03 -25.16 -22.23
CA PHE C 43 -16.19 -25.35 -21.06
C PHE C 43 -14.98 -26.23 -21.36
N ALA C 44 -15.25 -27.35 -22.03
CA ALA C 44 -14.25 -28.36 -22.31
C ALA C 44 -13.11 -27.82 -23.16
N ASP C 45 -13.43 -26.99 -24.13
CA ASP C 45 -12.38 -26.43 -24.98
C ASP C 45 -11.44 -25.58 -24.14
N HIS C 46 -12.00 -24.85 -23.18
CA HIS C 46 -11.20 -24.04 -22.29
C HIS C 46 -10.35 -24.83 -21.33
N VAL C 47 -10.95 -25.87 -20.75
CA VAL C 47 -10.24 -26.76 -19.85
C VAL C 47 -9.05 -27.41 -20.56
N ILE C 48 -9.29 -27.83 -21.80
CA ILE C 48 -8.23 -28.45 -22.59
C ILE C 48 -7.09 -27.45 -22.78
N THR C 49 -7.39 -26.30 -23.36
CA THR C 49 -6.38 -25.24 -23.54
C THR C 49 -5.67 -24.90 -22.22
N ARG C 50 -6.38 -24.91 -21.10
CA ARG C 50 -5.69 -24.59 -19.85
C ARG C 50 -4.80 -25.74 -19.43
N GLU C 51 -5.20 -26.98 -19.72
CA GLU C 51 -4.38 -28.12 -19.35
C GLU C 51 -3.11 -28.14 -20.18
N GLN C 52 -3.26 -27.78 -21.45
CA GLN C 52 -2.14 -27.80 -22.39
C GLN C 52 -1.05 -26.75 -22.06
N ASN C 53 -1.42 -25.71 -21.30
CA ASN C 53 -0.46 -24.69 -20.89
C ASN C 53 -0.01 -24.89 -19.45
N PHE C 54 -0.97 -25.23 -18.59
CA PHE C 54 -0.69 -25.45 -17.18
C PHE C 54 -1.19 -26.85 -16.78
N PRO C 55 -0.41 -27.90 -17.09
CA PRO C 55 -0.81 -29.29 -16.85
C PRO C 55 -1.13 -29.56 -15.40
N THR C 56 -2.08 -30.47 -15.16
CA THR C 56 -2.55 -30.70 -13.81
C THR C 56 -2.31 -32.15 -13.36
N GLY C 57 -1.32 -32.80 -13.93
CA GLY C 57 -0.94 -34.14 -13.49
C GLY C 57 -0.22 -34.19 -12.14
N LEU C 58 -0.75 -34.98 -11.22
CA LEU C 58 -0.17 -35.13 -9.89
C LEU C 58 0.38 -36.55 -9.66
N PRO C 59 1.70 -36.65 -9.51
CA PRO C 59 2.45 -37.87 -9.24
C PRO C 59 2.29 -38.36 -7.81
N VAL C 60 1.23 -39.12 -7.54
CA VAL C 60 0.96 -39.61 -6.20
C VAL C 60 0.78 -41.12 -6.23
N GLU C 61 1.22 -41.79 -5.17
CA GLU C 61 1.17 -43.24 -5.13
C GLU C 61 0.04 -43.69 -4.22
N PRO C 62 -0.66 -44.78 -4.58
CA PRO C 62 -0.47 -45.55 -5.82
C PRO C 62 -1.45 -45.26 -6.95
N VAL C 63 -2.34 -44.29 -6.80
CA VAL C 63 -3.28 -43.97 -7.87
C VAL C 63 -3.03 -42.58 -8.43
N GLY C 64 -2.58 -42.50 -9.69
CA GLY C 64 -2.34 -41.23 -10.35
C GLY C 64 -3.55 -40.33 -10.47
N VAL C 65 -3.40 -39.07 -10.09
CA VAL C 65 -4.48 -38.10 -10.12
C VAL C 65 -4.19 -36.97 -11.10
N ALA C 66 -5.23 -36.46 -11.74
CA ALA C 66 -5.15 -35.17 -12.42
C ALA C 66 -6.34 -34.30 -12.00
N ILE C 67 -6.14 -32.98 -11.93
CA ILE C 67 -7.25 -32.10 -11.58
C ILE C 67 -7.46 -30.95 -12.57
N PRO C 68 -8.08 -31.26 -13.71
CA PRO C 68 -8.35 -30.33 -14.82
C PRO C 68 -9.34 -29.23 -14.45
N HIS C 69 -9.09 -28.03 -14.95
CA HIS C 69 -9.96 -26.89 -14.71
C HIS C 69 -9.65 -25.83 -15.75
N THR C 70 -10.26 -24.67 -15.60
CA THR C 70 -10.05 -23.56 -16.52
C THR C 70 -10.17 -22.28 -15.69
N ASP C 71 -10.19 -21.13 -16.36
CA ASP C 71 -10.39 -19.87 -15.65
C ASP C 71 -11.74 -19.91 -14.96
N SER C 72 -11.83 -19.26 -13.80
CA SER C 72 -13.07 -19.33 -13.02
C SER C 72 -14.19 -18.53 -13.70
N LYS C 73 -13.81 -17.66 -14.63
CA LYS C 73 -14.79 -16.86 -15.36
C LYS C 73 -15.62 -17.69 -16.33
N TYR C 74 -15.54 -19.01 -16.26
CA TYR C 74 -16.32 -19.85 -17.16
C TYR C 74 -17.36 -20.65 -16.39
N VAL C 75 -17.28 -20.58 -15.07
CA VAL C 75 -18.16 -21.31 -14.19
C VAL C 75 -19.41 -20.47 -13.86
N ARG C 76 -20.60 -21.09 -13.87
CA ARG C 76 -21.83 -20.37 -13.51
C ARG C 76 -22.22 -20.62 -12.05
N GLN C 77 -22.09 -21.86 -11.58
CA GLN C 77 -22.18 -22.18 -10.15
C GLN C 77 -21.19 -23.31 -9.84
N ASN C 78 -20.76 -23.42 -8.58
CA ASN C 78 -19.70 -24.36 -8.21
C ASN C 78 -20.12 -25.81 -8.43
N ALA C 79 -19.24 -26.57 -9.04
CA ALA C 79 -19.54 -27.95 -9.33
C ALA C 79 -18.27 -28.75 -9.52
N ILE C 80 -18.43 -30.06 -9.41
CA ILE C 80 -17.33 -30.96 -9.32
C ILE C 80 -17.76 -32.17 -10.11
N SER C 81 -16.88 -32.65 -10.98
CA SER C 81 -17.17 -33.83 -11.78
C SER C 81 -16.02 -34.83 -11.72
N VAL C 82 -16.34 -36.05 -11.28
CA VAL C 82 -15.35 -37.09 -11.08
C VAL C 82 -15.36 -38.12 -12.20
N GLY C 83 -14.17 -38.60 -12.57
CA GLY C 83 -14.05 -39.67 -13.54
C GLY C 83 -13.03 -40.72 -13.14
N ILE C 84 -13.42 -41.99 -13.22
CA ILE C 84 -12.51 -43.10 -12.95
C ILE C 84 -12.08 -43.77 -14.25
N LEU C 85 -10.78 -43.78 -14.50
CA LEU C 85 -10.27 -44.36 -15.73
C LEU C 85 -10.08 -45.86 -15.55
N ALA C 86 -10.42 -46.62 -16.58
CA ALA C 86 -10.25 -48.06 -16.55
C ALA C 86 -8.79 -48.43 -16.76
N GLU C 87 -8.16 -47.74 -17.71
CA GLU C 87 -6.74 -47.85 -17.91
C GLU C 87 -6.10 -46.49 -17.64
N PRO C 88 -4.84 -46.48 -17.17
CA PRO C 88 -4.10 -45.23 -16.97
C PRO C 88 -3.96 -44.40 -18.24
N VAL C 89 -4.26 -43.12 -18.13
CA VAL C 89 -4.03 -42.16 -19.21
C VAL C 89 -3.02 -41.11 -18.75
N ASN C 90 -2.07 -40.78 -19.62
CA ASN C 90 -1.03 -39.83 -19.31
C ASN C 90 -1.46 -38.38 -19.27
N PHE C 91 -1.35 -37.74 -18.10
CA PHE C 91 -1.39 -36.28 -18.02
C PHE C 91 0.03 -35.76 -17.83
N GLU C 92 0.33 -34.62 -18.45
CA GLU C 92 1.62 -33.98 -18.24
C GLU C 92 1.71 -33.58 -16.76
N ASP C 93 2.92 -33.62 -16.20
CA ASP C 93 3.09 -33.41 -14.76
C ASP C 93 3.01 -31.94 -14.38
N ALA C 94 2.25 -31.65 -13.34
CA ALA C 94 1.93 -30.28 -12.95
C ALA C 94 3.14 -29.51 -12.46
N GLY C 95 4.24 -30.21 -12.26
CA GLY C 95 5.44 -29.61 -11.69
C GLY C 95 6.60 -29.48 -12.66
N GLY C 96 6.37 -29.85 -13.92
CA GLY C 96 7.38 -29.65 -14.96
C GLY C 96 8.31 -30.84 -15.14
N GLU C 97 8.03 -31.90 -14.41
CA GLU C 97 8.76 -33.15 -14.52
C GLU C 97 8.54 -33.78 -15.89
N PRO C 98 9.62 -34.27 -16.51
CA PRO C 98 9.59 -34.93 -17.82
C PRO C 98 8.60 -36.08 -17.91
N ASP C 99 8.49 -36.87 -16.84
CA ASP C 99 7.74 -38.09 -16.85
C ASP C 99 6.26 -37.81 -16.63
N PRO C 100 5.40 -38.30 -17.55
CA PRO C 100 3.95 -38.14 -17.44
C PRO C 100 3.32 -38.89 -16.26
N VAL C 101 2.35 -38.26 -15.60
CA VAL C 101 1.60 -38.94 -14.56
C VAL C 101 0.61 -39.94 -15.16
N PRO C 102 0.72 -41.21 -14.75
CA PRO C 102 -0.24 -42.24 -15.12
C PRO C 102 -1.53 -42.06 -14.33
N VAL C 103 -2.32 -41.06 -14.73
CA VAL C 103 -3.53 -40.71 -14.04
C VAL C 103 -4.55 -41.83 -14.18
N ARG C 104 -5.30 -42.09 -13.11
CA ARG C 104 -6.43 -43.01 -13.14
C ARG C 104 -7.68 -42.47 -12.43
N VAL C 105 -7.52 -41.37 -11.69
CA VAL C 105 -8.63 -40.68 -11.07
C VAL C 105 -8.59 -39.20 -11.45
N VAL C 106 -9.70 -38.67 -11.94
CA VAL C 106 -9.70 -37.31 -12.46
C VAL C 106 -10.75 -36.48 -11.77
N PHE C 107 -10.29 -35.44 -11.07
CA PHE C 107 -11.18 -34.46 -10.46
C PHE C 107 -11.25 -33.22 -11.32
N MET C 108 -12.27 -33.12 -12.16
CA MET C 108 -12.50 -31.88 -12.90
C MET C 108 -13.21 -30.87 -12.02
N LEU C 109 -12.63 -29.68 -11.94
CA LEU C 109 -13.17 -28.64 -11.09
C LEU C 109 -13.78 -27.52 -11.90
N ALA C 110 -15.06 -27.27 -11.64
CA ALA C 110 -15.76 -26.14 -12.22
C ALA C 110 -16.16 -25.21 -11.08
N LEU C 111 -15.16 -24.51 -10.56
CA LEU C 111 -15.38 -23.63 -9.42
C LEU C 111 -15.03 -22.19 -9.80
N GLY C 112 -15.85 -21.25 -9.36
CA GLY C 112 -15.59 -19.84 -9.62
C GLY C 112 -15.49 -19.02 -8.34
N ASN C 113 -15.79 -19.66 -7.22
CA ASN C 113 -15.72 -18.99 -5.93
C ASN C 113 -14.38 -19.28 -5.30
N TRP C 114 -13.60 -18.23 -5.03
CA TRP C 114 -12.23 -18.40 -4.53
C TRP C 114 -12.18 -19.18 -3.22
N PHE C 115 -13.08 -18.83 -2.30
CA PHE C 115 -13.10 -19.42 -0.97
C PHE C 115 -13.47 -20.91 -1.04
N ASP C 116 -14.16 -21.31 -2.11
CA ASP C 116 -14.47 -22.71 -2.38
C ASP C 116 -13.33 -23.44 -3.10
N ILE C 117 -12.67 -22.73 -4.00
CA ILE C 117 -11.54 -23.30 -4.72
C ILE C 117 -10.46 -23.81 -3.75
N THR C 118 -10.01 -22.93 -2.89
CA THR C 118 -8.98 -23.27 -1.93
C THR C 118 -9.40 -24.45 -1.09
N ASN C 119 -10.66 -24.45 -0.66
CA ASN C 119 -11.17 -25.56 0.15
C ASN C 119 -11.18 -26.88 -0.59
N VAL C 120 -11.68 -26.91 -1.83
CA VAL C 120 -11.69 -28.14 -2.59
C VAL C 120 -10.27 -28.67 -2.88
N LEU C 121 -9.32 -27.77 -3.13
CA LEU C 121 -7.94 -28.19 -3.40
C LEU C 121 -7.28 -28.83 -2.19
N TRP C 122 -7.47 -28.18 -1.04
CA TRP C 122 -6.98 -28.70 0.22
C TRP C 122 -7.55 -30.08 0.48
N TRP C 123 -8.81 -30.29 0.09
CA TRP C 123 -9.46 -31.57 0.27
C TRP C 123 -8.86 -32.63 -0.64
N ILE C 124 -8.66 -32.27 -1.89
CA ILE C 124 -8.05 -33.14 -2.85
C ILE C 124 -6.66 -33.55 -2.40
N LYS C 125 -5.94 -32.61 -1.80
CA LYS C 125 -4.59 -32.89 -1.33
C LYS C 125 -4.65 -33.91 -0.21
N ALA C 126 -5.68 -33.83 0.62
CA ALA C 126 -5.84 -34.73 1.76
C ALA C 126 -6.23 -36.12 1.29
N VAL C 127 -7.17 -36.18 0.37
CA VAL C 127 -7.70 -37.46 -0.09
C VAL C 127 -6.68 -38.26 -0.92
N ILE C 128 -5.89 -37.57 -1.74
CA ILE C 128 -5.02 -38.31 -2.65
C ILE C 128 -3.79 -38.87 -1.94
N GLN C 129 -3.69 -38.64 -0.64
CA GLN C 129 -2.65 -39.23 0.17
C GLN C 129 -3.23 -40.27 1.10
N ASP C 130 -4.39 -40.79 0.71
CA ASP C 130 -5.02 -41.88 1.44
C ASP C 130 -5.09 -43.05 0.48
N GLU C 131 -4.18 -43.99 0.66
CA GLU C 131 -4.02 -45.02 -0.35
C GLU C 131 -5.17 -46.02 -0.32
N ASP C 132 -5.78 -46.20 0.84
CA ASP C 132 -6.92 -47.10 0.93
C ASP C 132 -8.14 -46.52 0.25
N PHE C 133 -8.30 -45.22 0.39
CA PHE C 133 -9.40 -44.54 -0.26
C PHE C 133 -9.19 -44.58 -1.77
N MET C 134 -8.05 -44.08 -2.22
CA MET C 134 -7.79 -43.94 -3.65
C MET C 134 -7.91 -45.26 -4.38
N GLN C 135 -7.45 -46.33 -3.74
CA GLN C 135 -7.57 -47.67 -4.29
C GLN C 135 -9.02 -48.15 -4.32
N GLN C 136 -9.79 -47.82 -3.30
CA GLN C 136 -11.21 -48.21 -3.27
C GLN C 136 -12.01 -47.58 -4.42
N LEU C 137 -11.62 -46.35 -4.80
CA LEU C 137 -12.28 -45.62 -5.89
C LEU C 137 -12.26 -46.37 -7.22
N LEU C 138 -11.35 -47.31 -7.36
CA LEU C 138 -11.27 -48.07 -8.59
C LEU C 138 -12.32 -49.18 -8.56
N VAL C 139 -12.34 -49.92 -7.46
CA VAL C 139 -13.19 -51.08 -7.36
C VAL C 139 -14.68 -50.75 -7.13
N MET C 140 -14.98 -49.53 -6.67
CA MET C 140 -16.36 -49.15 -6.36
C MET C 140 -17.17 -48.78 -7.59
N ASN C 141 -18.49 -48.68 -7.43
CA ASN C 141 -19.31 -48.18 -8.52
C ASN C 141 -19.68 -46.71 -8.29
N ASP C 142 -20.22 -46.09 -9.33
CA ASP C 142 -20.63 -44.69 -9.31
C ASP C 142 -21.22 -44.27 -7.99
N ASP C 143 -22.24 -44.99 -7.54
CA ASP C 143 -22.94 -44.62 -6.32
C ASP C 143 -22.04 -44.70 -5.11
N GLU C 144 -21.30 -45.80 -5.01
CA GLU C 144 -20.36 -45.96 -3.91
C GLU C 144 -19.33 -44.85 -3.95
N ILE C 145 -18.80 -44.56 -5.12
CA ILE C 145 -17.84 -43.46 -5.28
C ILE C 145 -18.49 -42.15 -4.84
N TYR C 146 -19.67 -41.89 -5.43
CA TYR C 146 -20.43 -40.71 -5.08
C TYR C 146 -20.69 -40.66 -3.56
N GLN C 147 -21.09 -41.79 -3.00
CA GLN C 147 -21.39 -41.83 -1.57
C GLN C 147 -20.19 -41.43 -0.72
N SER C 148 -19.03 -42.05 -0.94
CA SER C 148 -17.87 -41.81 -0.05
C SER C 148 -17.23 -40.45 -0.26
N ILE C 149 -17.35 -39.90 -1.46
CA ILE C 149 -16.87 -38.55 -1.70
C ILE C 149 -17.81 -37.51 -1.10
N TYR C 150 -19.11 -37.78 -1.20
CA TYR C 150 -20.10 -36.88 -0.63
C TYR C 150 -19.96 -36.83 0.89
N THR C 151 -19.57 -37.96 1.47
CA THR C 151 -19.41 -38.12 2.92
C THR C 151 -18.26 -37.23 3.42
N ARG C 152 -17.49 -36.72 2.46
CA ARG C 152 -16.41 -35.81 2.77
C ARG C 152 -16.73 -34.39 2.28
N ILE C 153 -18.02 -34.12 2.07
CA ILE C 153 -18.52 -32.78 1.71
C ILE C 153 -19.89 -32.53 2.34
O13 44E D . 3.31 -22.21 5.12
P 44E D . 4.59 -22.91 5.52
O14 44E D . 5.51 -21.93 6.21
O12 44E D . 5.34 -23.44 4.32
O11 44E D . 4.28 -24.10 6.48
C1 44E D . 4.31 -25.40 6.02
C2 44E D . 3.12 -26.22 6.38
O21 44E D . 2.08 -25.38 6.73
C21 44E D . 0.79 -25.79 6.55
O22 44E D . 0.23 -26.46 7.42
C3 44E D . 3.45 -27.12 7.53
#